data_9JD5
#
_entry.id   9JD5
#
_cell.length_a   1.00
_cell.length_b   1.00
_cell.length_c   1.00
_cell.angle_alpha   90.00
_cell.angle_beta   90.00
_cell.angle_gamma   90.00
#
_symmetry.space_group_name_H-M   'P 1'
#
loop_
_entity.id
_entity.type
_entity.pdbx_description
1 polymer 'Sodium- and chloride-dependent taurine transporter'
2 non-polymer 2-acetamido-2-deoxy-beta-D-glucopyranose
3 non-polymer 'SODIUM ION'
4 non-polymer 'CHLORIDE ION'
5 non-polymer 'CHOLESTEROL HEMISUCCINATE'
6 non-polymer Taurocyamine
7 water water
#
_entity_poly.entity_id   1
_entity_poly.type   'polypeptide(L)'
_entity_poly.pdbx_seq_one_letter_code
;MATKEKLQCLKDFHKDILKPSPGKSPGTRPEDEAEGKPPQREKWSSKIDFVLSVAGGFVGLGNVWRFPYLCYKNGGGAFL
IPYFIFLFGSGLPVFFLEIIIGQYTSEGGITCWEKICPLFSGIGYASVVIVSLLNVYYIVILAWATYYLFQSFQKELPWA
HCNHSWNTPHCMEDTMRKNKSVWITISSTNFTSPVIEFWERNVLSLSPGIDHPGSLKWDLALCLLLVWLVCFFCIWKGVR
STGKVVYFTATFPFAMLLVLLVRGLTLPGAGAGIKFYLYPDITRLEDPQVWIDAGTQIFFSYAICLGAMTSLGSYNKYKY
NSYRDCMLLGCLNSGTSFVSGFAIFSILGFMAQEQGVDIADVAESGPGLAFIAYPKAVTMMPLPTFWSILFFIMLLLLGL
DSQFVEVEGQITSLVDLYPSFLRKGYRREIFIAFVCSISYLLGLTMVTEGGMYVFQLFDYYAASGVCLLWVAFFECFVIA
WIYGGDNLYDGIEDMIGYRPGPWMKYSWAVITPVLCVGCFIFSLVKYVPLTYNKTYVYPNWAIGLGWSLALSSMLCVPLV
IVIRLCQTEGPFLVRVKYLLTPSRLEEELRRRTEPGLRSRLEVLFQ
;
_entity_poly.pdbx_strand_id   A
#
loop_
_chem_comp.id
_chem_comp.type
_chem_comp.name
_chem_comp.formula
3S5 non-polymer Taurocyamine 'C3 H9 N3 O3 S'
CL non-polymer 'CHLORIDE ION' 'Cl -1'
NA non-polymer 'SODIUM ION' 'Na 1'
NAG D-saccharide, beta linking 2-acetamido-2-deoxy-beta-D-glucopyranose 'C8 H15 N O6'
Y01 non-polymer 'CHOLESTEROL HEMISUCCINATE' 'C31 H50 O4'
#
# COMPACT_ATOMS: atom_id res chain seq x y z
N ARG A 41 12.67 -3.83 -25.65
CA ARG A 41 13.63 -3.68 -26.74
C ARG A 41 14.46 -2.42 -26.56
N GLU A 42 14.08 -1.58 -25.59
CA GLU A 42 14.78 -0.35 -25.31
C GLU A 42 15.32 -0.37 -23.89
N LYS A 43 16.43 0.33 -23.69
CA LYS A 43 17.08 0.46 -22.38
C LYS A 43 16.93 1.89 -21.89
N TRP A 44 17.37 2.12 -20.65
CA TRP A 44 17.37 3.46 -20.11
C TRP A 44 18.38 4.33 -20.86
N SER A 45 17.97 5.57 -21.16
CA SER A 45 18.90 6.50 -21.80
C SER A 45 20.07 6.84 -20.89
N SER A 46 19.80 7.00 -19.59
CA SER A 46 20.85 7.24 -18.60
C SER A 46 20.50 6.47 -17.33
N LYS A 47 21.47 6.34 -16.44
CA LYS A 47 21.27 5.59 -15.21
C LYS A 47 20.47 6.35 -14.17
N ILE A 48 20.29 7.66 -14.32
CA ILE A 48 19.47 8.40 -13.37
C ILE A 48 17.99 8.11 -13.58
N ASP A 49 17.60 7.76 -14.80
CA ASP A 49 16.21 7.44 -15.07
C ASP A 49 15.77 6.21 -14.28
N PHE A 50 16.60 5.18 -14.24
CA PHE A 50 16.27 3.97 -13.49
C PHE A 50 16.12 4.27 -12.01
N VAL A 51 17.05 5.04 -11.44
CA VAL A 51 17.00 5.38 -10.03
C VAL A 51 15.73 6.16 -9.72
N LEU A 52 15.40 7.16 -10.55
CA LEU A 52 14.21 7.95 -10.32
C LEU A 52 12.93 7.11 -10.45
N SER A 53 12.88 6.22 -11.44
CA SER A 53 11.69 5.38 -11.62
C SER A 53 11.50 4.45 -10.43
N VAL A 54 12.58 3.82 -9.96
CA VAL A 54 12.44 2.92 -8.82
C VAL A 54 12.11 3.70 -7.55
N ALA A 55 12.65 4.90 -7.39
CA ALA A 55 12.31 5.73 -6.24
C ALA A 55 10.84 6.13 -6.25
N GLY A 56 10.29 6.45 -7.43
CA GLY A 56 8.88 6.76 -7.53
C GLY A 56 7.96 5.57 -7.60
N GLY A 57 8.51 4.36 -7.72
CA GLY A 57 7.66 3.19 -7.85
C GLY A 57 7.17 2.65 -6.51
N PHE A 58 8.06 2.56 -5.52
CA PHE A 58 7.70 1.93 -4.25
C PHE A 58 7.59 2.93 -3.09
N VAL A 59 7.63 4.23 -3.36
CA VAL A 59 7.42 5.24 -2.32
C VAL A 59 6.11 5.96 -2.63
N GLY A 60 5.20 5.96 -1.66
CA GLY A 60 3.89 6.52 -1.89
C GLY A 60 2.90 6.25 -0.77
N LEU A 61 1.72 5.73 -1.13
CA LEU A 61 0.65 5.55 -0.15
C LEU A 61 0.94 4.44 0.84
N GLY A 62 1.69 3.41 0.45
CA GLY A 62 2.00 2.32 1.35
C GLY A 62 2.89 2.70 2.52
N ASN A 63 3.57 3.84 2.44
CA ASN A 63 4.45 4.30 3.51
C ASN A 63 3.81 5.36 4.39
N VAL A 64 2.76 6.02 3.93
CA VAL A 64 2.14 7.12 4.65
C VAL A 64 0.74 6.81 5.13
N TRP A 65 0.01 5.92 4.44
CA TRP A 65 -1.39 5.63 4.77
C TRP A 65 -1.56 4.24 5.39
N ARG A 66 -1.06 3.18 4.74
CA ARG A 66 -1.40 1.84 5.21
C ARG A 66 -0.58 1.43 6.44
N PHE A 67 0.71 1.75 6.44
CA PHE A 67 1.55 1.41 7.59
C PHE A 67 1.00 1.92 8.91
N PRO A 68 0.56 3.18 9.04
CA PRO A 68 0.07 3.64 10.35
C PRO A 68 -1.10 2.87 10.92
N TYR A 69 -2.12 2.49 10.13
CA TYR A 69 -3.28 1.91 10.78
C TYR A 69 -3.05 0.42 11.06
N LEU A 70 -2.16 -0.21 10.30
CA LEU A 70 -1.74 -1.56 10.66
C LEU A 70 -0.95 -1.55 11.97
N CYS A 71 -0.09 -0.54 12.15
CA CYS A 71 0.59 -0.40 13.43
C CYS A 71 -0.39 -0.08 14.56
N TYR A 72 -1.41 0.73 14.27
CA TYR A 72 -2.36 1.16 15.29
C TYR A 72 -3.32 0.06 15.68
N LYS A 73 -3.71 -0.79 14.73
CA LYS A 73 -4.66 -1.86 15.00
C LYS A 73 -4.10 -2.82 16.04
N ASN A 74 -2.82 -3.14 15.94
CA ASN A 74 -2.14 -3.95 16.93
C ASN A 74 -1.65 -3.07 18.08
N GLY A 75 -0.80 -3.63 18.94
CA GLY A 75 -0.32 -2.87 20.08
C GLY A 75 0.59 -1.72 19.72
N GLY A 76 1.49 -1.93 18.76
CA GLY A 76 2.54 -0.95 18.48
C GLY A 76 3.84 -1.32 19.16
N GLY A 77 4.91 -1.41 18.39
CA GLY A 77 6.17 -1.97 18.90
C GLY A 77 6.21 -3.47 18.79
N ALA A 78 5.21 -4.15 19.36
CA ALA A 78 5.01 -5.56 19.08
C ALA A 78 4.72 -5.80 17.61
N PHE A 79 4.31 -4.74 16.89
CA PHE A 79 4.27 -4.79 15.44
C PHE A 79 5.65 -4.51 14.83
N LEU A 80 6.49 -3.75 15.54
CA LEU A 80 7.80 -3.39 15.01
C LEU A 80 8.78 -4.57 15.04
N ILE A 81 8.70 -5.42 16.06
CA ILE A 81 9.65 -6.53 16.18
C ILE A 81 9.55 -7.46 14.97
N PRO A 82 8.38 -8.01 14.64
CA PRO A 82 8.29 -8.81 13.41
C PRO A 82 8.54 -7.97 12.16
N TYR A 83 8.19 -6.67 12.09
CA TYR A 83 8.56 -5.81 10.95
C TYR A 83 10.04 -5.81 10.68
N PHE A 84 10.88 -5.52 11.68
CA PHE A 84 12.31 -5.49 11.39
C PHE A 84 12.86 -6.89 11.13
N ILE A 85 12.33 -7.90 11.83
CA ILE A 85 12.75 -9.27 11.55
C ILE A 85 12.48 -9.63 10.09
N PHE A 86 11.26 -9.36 9.63
CA PHE A 86 10.91 -9.62 8.24
C PHE A 86 11.71 -8.75 7.29
N LEU A 87 11.98 -7.50 7.66
CA LEU A 87 12.80 -6.63 6.81
C LEU A 87 14.15 -7.28 6.53
N PHE A 88 14.97 -7.44 7.57
CA PHE A 88 16.33 -7.96 7.36
C PHE A 88 16.32 -9.43 6.98
N GLY A 89 15.20 -10.12 7.11
CA GLY A 89 15.15 -11.51 6.70
C GLY A 89 14.81 -11.69 5.23
N SER A 90 13.79 -10.99 4.74
CA SER A 90 13.25 -11.24 3.42
C SER A 90 13.07 -9.98 2.58
N GLY A 91 12.82 -8.82 3.20
CA GLY A 91 12.37 -7.67 2.43
C GLY A 91 13.41 -7.19 1.43
N LEU A 92 14.65 -7.04 1.87
CA LEU A 92 15.73 -6.60 1.00
C LEU A 92 16.23 -7.72 0.10
N PRO A 93 16.46 -8.94 0.60
CA PRO A 93 16.92 -10.01 -0.30
C PRO A 93 15.98 -10.30 -1.46
N VAL A 94 14.66 -10.31 -1.25
CA VAL A 94 13.74 -10.61 -2.34
C VAL A 94 13.68 -9.46 -3.33
N PHE A 95 13.74 -8.21 -2.84
CA PHE A 95 13.79 -7.05 -3.72
C PHE A 95 15.02 -7.10 -4.62
N PHE A 96 16.19 -7.34 -4.02
CA PHE A 96 17.41 -7.44 -4.80
C PHE A 96 17.35 -8.61 -5.76
N LEU A 97 16.72 -9.71 -5.34
CA LEU A 97 16.56 -10.87 -6.22
C LEU A 97 15.72 -10.53 -7.44
N GLU A 98 14.61 -9.80 -7.24
CA GLU A 98 13.79 -9.40 -8.37
C GLU A 98 14.55 -8.49 -9.31
N ILE A 99 15.29 -7.53 -8.76
CA ILE A 99 16.07 -6.62 -9.61
C ILE A 99 17.10 -7.40 -10.42
N ILE A 100 17.80 -8.33 -9.78
CA ILE A 100 18.84 -9.10 -10.47
C ILE A 100 18.22 -10.00 -11.53
N ILE A 101 17.07 -10.60 -11.25
CA ILE A 101 16.41 -11.44 -12.26
C ILE A 101 16.00 -10.62 -13.46
N GLY A 102 15.45 -9.43 -13.22
CA GLY A 102 15.10 -8.55 -14.32
C GLY A 102 16.30 -8.14 -15.15
N GLN A 103 17.40 -7.78 -14.48
CA GLN A 103 18.60 -7.37 -15.19
C GLN A 103 19.29 -8.51 -15.93
N TYR A 104 19.18 -9.73 -15.42
CA TYR A 104 19.87 -10.88 -15.98
C TYR A 104 19.08 -11.59 -17.07
N THR A 105 17.75 -11.50 -17.04
CA THR A 105 16.92 -12.13 -18.07
C THR A 105 16.43 -11.17 -19.13
N SER A 106 16.41 -9.86 -18.84
CA SER A 106 15.96 -8.84 -19.78
C SER A 106 14.53 -9.10 -20.25
N GLU A 107 13.66 -9.43 -19.30
CA GLU A 107 12.26 -9.71 -19.59
C GLU A 107 11.38 -9.13 -18.48
N GLY A 108 10.08 -9.31 -18.63
CA GLY A 108 9.09 -8.72 -17.74
C GLY A 108 8.63 -9.64 -16.63
N GLY A 109 7.39 -9.43 -16.19
CA GLY A 109 6.88 -10.15 -15.03
C GLY A 109 6.72 -11.64 -15.25
N ILE A 110 6.16 -12.04 -16.39
CA ILE A 110 5.85 -13.44 -16.64
C ILE A 110 7.00 -14.15 -17.36
N THR A 111 7.58 -13.52 -18.38
CA THR A 111 8.57 -14.21 -19.20
C THR A 111 9.89 -14.40 -18.47
N CYS A 112 10.14 -13.64 -17.40
CA CYS A 112 11.39 -13.79 -16.66
C CYS A 112 11.51 -15.17 -16.05
N TRP A 113 10.41 -15.70 -15.50
CA TRP A 113 10.42 -17.03 -14.90
C TRP A 113 10.56 -18.15 -15.93
N GLU A 114 10.42 -17.84 -17.22
CA GLU A 114 10.59 -18.86 -18.25
C GLU A 114 12.06 -19.20 -18.47
N LYS A 115 12.96 -18.26 -18.22
CA LYS A 115 14.39 -18.50 -18.36
C LYS A 115 15.02 -19.07 -17.08
N ILE A 116 14.24 -19.22 -16.01
CA ILE A 116 14.72 -19.79 -14.76
C ILE A 116 14.15 -21.19 -14.55
N CYS A 117 12.83 -21.31 -14.49
CA CYS A 117 12.15 -22.60 -14.36
C CYS A 117 10.79 -22.52 -15.04
N PRO A 118 10.63 -23.14 -16.22
CA PRO A 118 9.34 -23.06 -16.92
C PRO A 118 8.18 -23.64 -16.15
N LEU A 119 8.44 -24.58 -15.23
CA LEU A 119 7.34 -25.21 -14.48
C LEU A 119 6.66 -24.24 -13.52
N PHE A 120 7.39 -23.25 -13.02
CA PHE A 120 6.88 -22.33 -12.01
C PHE A 120 6.55 -20.96 -12.61
N SER A 121 6.02 -20.94 -13.82
CA SER A 121 5.64 -19.70 -14.46
C SER A 121 4.40 -19.07 -13.86
N GLY A 122 3.69 -19.79 -12.98
CA GLY A 122 2.45 -19.26 -12.41
C GLY A 122 2.65 -18.14 -11.42
N ILE A 123 3.89 -17.93 -10.95
CA ILE A 123 4.17 -16.80 -10.07
C ILE A 123 3.89 -15.49 -10.78
N GLY A 124 4.24 -15.41 -12.07
CA GLY A 124 3.96 -14.20 -12.84
C GLY A 124 2.48 -13.94 -12.98
N TYR A 125 1.70 -14.98 -13.30
CA TYR A 125 0.26 -14.81 -13.46
C TYR A 125 -0.39 -14.42 -12.12
N ALA A 126 0.06 -15.03 -11.03
CA ALA A 126 -0.45 -14.65 -9.72
C ALA A 126 -0.13 -13.19 -9.41
N SER A 127 1.09 -12.75 -9.75
CA SER A 127 1.46 -11.35 -9.56
C SER A 127 0.57 -10.43 -10.39
N VAL A 128 0.25 -10.84 -11.62
CA VAL A 128 -0.60 -10.01 -12.47
C VAL A 128 -2.00 -9.90 -11.90
N VAL A 129 -2.55 -11.01 -11.41
CA VAL A 129 -3.89 -10.95 -10.79
C VAL A 129 -3.86 -10.05 -9.55
N ILE A 130 -2.81 -10.19 -8.73
CA ILE A 130 -2.70 -9.37 -7.53
C ILE A 130 -2.63 -7.89 -7.90
N VAL A 131 -1.81 -7.54 -8.90
CA VAL A 131 -1.65 -6.13 -9.25
C VAL A 131 -2.92 -5.60 -9.92
N SER A 132 -3.67 -6.44 -10.62
CA SER A 132 -4.94 -6.00 -11.19
C SER A 132 -5.94 -5.65 -10.09
N LEU A 133 -6.08 -6.52 -9.09
CA LEU A 133 -6.97 -6.22 -7.99
C LEU A 133 -6.49 -4.98 -7.22
N LEU A 134 -5.18 -4.86 -7.03
CA LEU A 134 -4.62 -3.69 -6.35
C LEU A 134 -4.90 -2.41 -7.13
N ASN A 135 -4.77 -2.46 -8.46
CA ASN A 135 -5.09 -1.30 -9.27
C ASN A 135 -6.57 -0.95 -9.15
N VAL A 136 -7.42 -1.97 -9.03
CA VAL A 136 -8.85 -1.72 -8.89
C VAL A 136 -9.13 -0.97 -7.59
N TYR A 137 -8.61 -1.45 -6.46
CA TYR A 137 -9.06 -0.81 -5.21
C TYR A 137 -8.12 0.31 -4.73
N TYR A 138 -6.99 0.53 -5.40
CA TYR A 138 -5.98 1.44 -4.91
C TYR A 138 -6.24 2.88 -5.32
N ILE A 139 -7.04 3.09 -6.37
CA ILE A 139 -7.34 4.43 -6.87
C ILE A 139 -8.52 5.05 -6.14
N VAL A 140 -9.27 4.28 -5.34
CA VAL A 140 -10.34 4.85 -4.53
C VAL A 140 -9.75 5.77 -3.46
N ILE A 141 -8.56 5.46 -2.97
CA ILE A 141 -7.88 6.37 -2.05
C ILE A 141 -7.62 7.71 -2.72
N LEU A 142 -7.16 7.68 -3.98
CA LEU A 142 -6.96 8.91 -4.73
C LEU A 142 -8.27 9.63 -4.99
N ALA A 143 -9.35 8.89 -5.20
CA ALA A 143 -10.67 9.52 -5.36
C ALA A 143 -11.08 10.27 -4.09
N TRP A 144 -10.87 9.65 -2.92
CA TRP A 144 -11.15 10.35 -1.67
C TRP A 144 -10.24 11.57 -1.52
N ALA A 145 -8.97 11.44 -1.92
CA ALA A 145 -8.03 12.54 -1.81
C ALA A 145 -8.44 13.72 -2.68
N THR A 146 -8.89 13.45 -3.91
CA THR A 146 -9.32 14.54 -4.77
C THR A 146 -10.67 15.11 -4.35
N TYR A 147 -11.51 14.30 -3.72
CA TYR A 147 -12.72 14.85 -3.11
C TYR A 147 -12.37 15.85 -2.01
N TYR A 148 -11.42 15.48 -1.15
CA TYR A 148 -10.95 16.42 -0.13
C TYR A 148 -10.29 17.65 -0.75
N LEU A 149 -9.54 17.45 -1.84
CA LEU A 149 -8.90 18.60 -2.49
C LEU A 149 -9.94 19.58 -3.02
N PHE A 150 -10.98 19.08 -3.68
CA PHE A 150 -12.04 19.96 -4.15
C PHE A 150 -12.78 20.62 -3.00
N GLN A 151 -12.99 19.89 -1.91
CA GLN A 151 -13.66 20.50 -0.75
C GLN A 151 -12.76 21.49 -0.03
N SER A 152 -11.46 21.46 -0.30
CA SER A 152 -10.53 22.34 0.42
C SER A 152 -10.56 23.77 -0.12
N PHE A 153 -11.11 23.98 -1.31
CA PHE A 153 -11.05 25.29 -1.94
C PHE A 153 -11.96 26.30 -1.24
N GLN A 154 -12.81 25.85 -0.33
CA GLN A 154 -13.67 26.76 0.41
C GLN A 154 -12.83 27.59 1.39
N LYS A 155 -13.38 28.73 1.79
CA LYS A 155 -12.66 29.61 2.72
C LYS A 155 -12.49 28.95 4.08
N GLU A 156 -13.47 28.16 4.50
CA GLU A 156 -13.42 27.46 5.79
C GLU A 156 -13.45 25.96 5.54
N LEU A 157 -12.58 25.24 6.21
CA LEU A 157 -12.51 23.79 6.06
C LEU A 157 -13.78 23.15 6.62
N PRO A 158 -14.46 22.29 5.87
CA PRO A 158 -15.73 21.74 6.35
C PRO A 158 -15.62 20.90 7.62
N TRP A 159 -14.52 20.19 7.81
CA TRP A 159 -14.37 19.27 8.93
C TRP A 159 -13.85 19.94 10.19
N ALA A 160 -13.60 21.25 10.16
CA ALA A 160 -13.11 21.93 11.35
C ALA A 160 -14.15 21.93 12.46
N HIS A 161 -15.42 22.17 12.12
CA HIS A 161 -16.51 22.24 13.08
C HIS A 161 -17.61 21.25 12.68
N CYS A 162 -18.71 21.25 13.43
CA CYS A 162 -19.89 20.46 13.05
C CYS A 162 -21.14 21.32 13.23
N ASN A 163 -21.50 22.03 12.16
CA ASN A 163 -22.75 22.78 12.04
C ASN A 163 -23.21 22.59 10.58
N HIS A 164 -23.86 21.45 10.32
CA HIS A 164 -24.01 20.96 8.96
C HIS A 164 -25.35 20.26 8.81
N SER A 165 -25.57 19.68 7.64
CA SER A 165 -26.78 18.91 7.36
C SER A 165 -26.60 17.43 7.62
N TRP A 166 -25.40 16.97 7.93
CA TRP A 166 -25.15 15.55 8.19
C TRP A 166 -24.50 15.32 9.56
N ASN A 167 -24.89 16.10 10.57
CA ASN A 167 -24.33 15.99 11.90
C ASN A 167 -25.40 15.50 12.88
N THR A 168 -25.03 14.57 13.74
CA THR A 168 -25.92 14.10 14.79
C THR A 168 -26.08 15.16 15.88
N PRO A 169 -27.12 15.06 16.69
CA PRO A 169 -27.18 15.87 17.91
C PRO A 169 -26.11 15.50 18.92
N HIS A 170 -25.42 14.38 18.73
CA HIS A 170 -24.38 13.92 19.64
C HIS A 170 -23.03 14.58 19.40
N CYS A 171 -22.88 15.33 18.31
CA CYS A 171 -21.58 15.92 17.99
C CYS A 171 -21.20 16.99 19.00
N MET A 172 -19.91 17.05 19.32
CA MET A 172 -19.36 18.11 20.15
C MET A 172 -17.94 18.38 19.68
N GLU A 173 -17.48 19.61 19.90
CA GLU A 173 -16.17 20.02 19.43
C GLU A 173 -15.08 19.21 20.11
N ASP A 174 -14.01 18.91 19.35
CA ASP A 174 -12.90 18.14 19.89
C ASP A 174 -12.27 18.86 21.07
N THR A 175 -12.16 20.19 20.99
CA THR A 175 -11.67 20.97 22.12
C THR A 175 -12.61 20.84 23.31
N MET A 176 -13.92 20.84 23.06
CA MET A 176 -14.91 20.77 24.12
C MET A 176 -15.28 19.34 24.52
N ARG A 177 -14.77 18.33 23.81
CA ARG A 177 -15.16 16.96 24.13
C ARG A 177 -14.61 16.52 25.48
N LYS A 178 -13.42 16.98 25.86
CA LYS A 178 -12.82 16.65 27.14
C LYS A 178 -13.08 17.81 28.09
N ASN A 179 -14.14 17.69 28.89
CA ASN A 179 -14.52 18.73 29.83
C ASN A 179 -15.20 18.07 31.02
N LYS A 180 -14.75 18.41 32.23
CA LYS A 180 -15.28 17.79 33.44
C LYS A 180 -16.69 18.25 33.77
N SER A 181 -17.22 19.26 33.07
CA SER A 181 -18.52 19.83 33.39
C SER A 181 -19.66 19.25 32.55
N VAL A 182 -19.44 19.00 31.27
CA VAL A 182 -20.52 18.65 30.36
C VAL A 182 -20.39 17.26 29.77
N TRP A 183 -19.19 16.68 29.68
CA TRP A 183 -18.99 15.41 28.99
C TRP A 183 -18.83 14.23 29.94
N ILE A 184 -17.96 14.35 30.95
CA ILE A 184 -17.65 13.22 31.82
C ILE A 184 -18.86 12.81 32.65
N THR A 185 -19.87 13.67 32.77
CA THR A 185 -21.03 13.35 33.60
C THR A 185 -21.85 12.20 33.01
N ILE A 186 -22.04 12.19 31.69
CA ILE A 186 -22.89 11.20 31.04
C ILE A 186 -22.57 11.18 29.55
N SER A 187 -22.92 10.07 28.89
CA SER A 187 -22.78 9.93 27.43
C SER A 187 -21.34 10.09 26.97
N SER A 188 -20.39 9.57 27.75
CA SER A 188 -18.99 9.64 27.36
C SER A 188 -18.72 8.84 26.08
N THR A 189 -19.29 7.63 26.00
CA THR A 189 -19.06 6.78 24.85
C THR A 189 -19.95 7.13 23.66
N ASN A 190 -21.06 7.84 23.88
CA ASN A 190 -21.97 8.17 22.79
C ASN A 190 -21.42 9.27 21.90
N PHE A 191 -20.56 10.14 22.44
CA PHE A 191 -20.09 11.31 21.70
C PHE A 191 -19.20 10.89 20.53
N THR A 192 -19.08 11.79 19.56
CA THR A 192 -18.27 11.57 18.38
C THR A 192 -17.65 12.89 17.95
N SER A 193 -16.66 12.80 17.06
CA SER A 193 -15.86 13.94 16.64
C SER A 193 -16.27 14.44 15.27
N PRO A 194 -16.14 15.75 15.00
CA PRO A 194 -16.52 16.28 13.68
C PRO A 194 -15.76 15.66 12.53
N VAL A 195 -14.47 15.37 12.71
CA VAL A 195 -13.69 14.76 11.64
C VAL A 195 -14.21 13.36 11.32
N ILE A 196 -14.47 12.56 12.36
CA ILE A 196 -14.97 11.21 12.15
C ILE A 196 -16.35 11.23 11.53
N GLU A 197 -17.22 12.13 12.00
CA GLU A 197 -18.55 12.23 11.42
C GLU A 197 -18.50 12.64 9.96
N PHE A 198 -17.64 13.61 9.63
CA PHE A 198 -17.45 14.00 8.23
C PHE A 198 -17.04 12.80 7.40
N TRP A 199 -16.00 12.09 7.84
CA TRP A 199 -15.50 10.94 7.08
C TRP A 199 -16.54 9.85 6.93
N GLU A 200 -17.35 9.62 7.97
CA GLU A 200 -18.33 8.54 7.95
C GLU A 200 -19.57 8.86 7.11
N ARG A 201 -20.01 10.13 7.11
CA ARG A 201 -21.26 10.43 6.42
C ARG A 201 -21.05 11.20 5.11
N ASN A 202 -20.34 12.33 5.14
CA ASN A 202 -20.27 13.14 3.93
C ASN A 202 -19.52 12.43 2.83
N VAL A 203 -18.42 11.76 3.18
CA VAL A 203 -17.59 11.09 2.18
C VAL A 203 -18.09 9.66 2.00
N LEU A 204 -18.34 8.96 3.10
CA LEU A 204 -18.70 7.55 3.01
C LEU A 204 -20.20 7.34 3.01
N SER A 205 -20.92 7.95 3.97
CA SER A 205 -22.34 7.68 4.20
C SER A 205 -22.57 6.20 4.48
N LEU A 206 -22.04 5.74 5.62
CA LEU A 206 -22.07 4.32 5.96
C LEU A 206 -23.50 3.79 6.08
N SER A 207 -23.74 2.66 5.44
CA SER A 207 -24.97 1.90 5.60
C SER A 207 -24.85 0.96 6.80
N PRO A 208 -25.97 0.40 7.27
CA PRO A 208 -25.88 -0.53 8.42
C PRO A 208 -24.96 -1.72 8.19
N GLY A 209 -24.79 -2.18 6.96
CA GLY A 209 -23.90 -3.29 6.72
C GLY A 209 -23.64 -3.47 5.24
N ILE A 210 -22.83 -4.49 4.93
CA ILE A 210 -22.56 -4.84 3.54
C ILE A 210 -23.82 -5.37 2.87
N ASP A 211 -24.72 -5.98 3.64
CA ASP A 211 -25.94 -6.53 3.07
C ASP A 211 -26.88 -5.43 2.57
N HIS A 212 -26.67 -4.18 2.98
CA HIS A 212 -27.47 -3.06 2.52
C HIS A 212 -26.62 -2.14 1.67
N PRO A 213 -26.49 -2.37 0.36
CA PRO A 213 -25.63 -1.50 -0.46
C PRO A 213 -26.07 -0.04 -0.48
N GLY A 214 -27.36 0.22 -0.49
CA GLY A 214 -27.84 1.59 -0.59
C GLY A 214 -27.84 2.09 -2.02
N SER A 215 -27.66 3.40 -2.16
CA SER A 215 -27.65 4.06 -3.45
C SER A 215 -26.24 4.49 -3.84
N LEU A 216 -26.04 4.69 -5.14
CA LEU A 216 -24.76 5.13 -5.66
C LEU A 216 -24.53 6.61 -5.36
N LYS A 217 -23.26 6.96 -5.11
CA LYS A 217 -22.86 8.33 -4.90
C LYS A 217 -22.23 8.86 -6.19
N TRP A 218 -22.74 9.99 -6.68
CA TRP A 218 -22.36 10.44 -8.01
C TRP A 218 -21.11 11.31 -8.00
N ASP A 219 -20.93 12.12 -6.95
CA ASP A 219 -19.74 12.96 -6.88
C ASP A 219 -18.46 12.12 -6.75
N LEU A 220 -18.51 11.05 -5.96
CA LEU A 220 -17.35 10.18 -5.84
C LEU A 220 -17.07 9.45 -7.15
N ALA A 221 -18.12 9.05 -7.86
CA ALA A 221 -17.93 8.46 -9.19
C ALA A 221 -17.29 9.45 -10.15
N LEU A 222 -17.69 10.72 -10.07
CA LEU A 222 -17.10 11.75 -10.91
C LEU A 222 -15.62 11.94 -10.58
N CYS A 223 -15.28 11.96 -9.29
CA CYS A 223 -13.87 12.08 -8.90
C CYS A 223 -13.06 10.88 -9.38
N LEU A 224 -13.62 9.68 -9.27
CA LEU A 224 -12.94 8.48 -9.75
C LEU A 224 -12.71 8.56 -11.26
N LEU A 225 -13.72 9.01 -12.01
CA LEU A 225 -13.57 9.17 -13.45
C LEU A 225 -12.50 10.20 -13.78
N LEU A 226 -12.45 11.30 -13.03
CA LEU A 226 -11.46 12.34 -13.29
C LEU A 226 -10.05 11.80 -13.08
N VAL A 227 -9.84 11.07 -11.99
CA VAL A 227 -8.51 10.52 -11.71
C VAL A 227 -8.13 9.50 -12.79
N TRP A 228 -9.09 8.67 -13.20
CA TRP A 228 -8.80 7.68 -14.24
C TRP A 228 -8.48 8.36 -15.57
N LEU A 229 -9.16 9.45 -15.88
CA LEU A 229 -8.87 10.18 -17.11
C LEU A 229 -7.48 10.79 -17.07
N VAL A 230 -7.08 11.35 -15.93
CA VAL A 230 -5.72 11.87 -15.80
C VAL A 230 -4.70 10.76 -16.00
N CYS A 231 -4.93 9.60 -15.37
CA CYS A 231 -4.02 8.48 -15.51
C CYS A 231 -3.94 7.98 -16.94
N PHE A 232 -5.07 7.98 -17.66
CA PHE A 232 -5.07 7.53 -19.04
C PHE A 232 -4.37 8.53 -19.95
N PHE A 233 -4.54 9.82 -19.70
CA PHE A 233 -3.90 10.82 -20.54
C PHE A 233 -2.41 10.91 -20.29
N CYS A 234 -1.96 10.56 -19.09
CA CYS A 234 -0.51 10.51 -18.83
C CYS A 234 0.15 9.27 -19.44
N ILE A 235 -0.63 8.32 -19.96
CA ILE A 235 -0.07 7.19 -20.70
C ILE A 235 -0.38 7.27 -22.19
N TRP A 236 -1.36 8.07 -22.61
CA TRP A 236 -1.58 8.30 -24.04
C TRP A 236 -0.29 8.79 -24.69
N LYS A 237 0.31 9.83 -24.11
CA LYS A 237 1.50 10.46 -24.66
C LYS A 237 2.80 9.83 -24.21
N GLY A 238 2.76 8.88 -23.27
CA GLY A 238 3.96 8.24 -22.80
C GLY A 238 4.91 9.19 -22.11
N VAL A 239 4.37 10.18 -21.41
CA VAL A 239 5.21 11.16 -20.73
C VAL A 239 5.94 10.47 -19.58
N ARG A 240 7.26 10.66 -19.52
CA ARG A 240 8.07 10.02 -18.49
C ARG A 240 9.21 10.95 -18.14
N SER A 241 9.22 11.43 -16.89
CA SER A 241 10.25 12.33 -16.37
C SER A 241 10.31 13.65 -17.11
N THR A 242 11.18 14.55 -16.66
CA THR A 242 11.31 15.89 -17.22
C THR A 242 12.78 16.27 -17.20
N GLY A 243 13.06 17.52 -17.60
CA GLY A 243 14.42 18.02 -17.60
C GLY A 243 14.78 18.76 -16.34
N LYS A 244 13.93 19.73 -15.93
CA LYS A 244 14.19 20.53 -14.74
C LYS A 244 12.99 20.54 -13.80
N VAL A 245 12.15 19.51 -13.86
CA VAL A 245 10.98 19.41 -12.97
C VAL A 245 11.05 18.17 -12.10
N VAL A 246 11.93 17.20 -12.40
CA VAL A 246 12.04 16.01 -11.57
C VAL A 246 12.58 16.37 -10.18
N TYR A 247 13.51 17.32 -10.12
CA TYR A 247 14.05 17.71 -8.81
C TYR A 247 13.06 18.51 -7.99
N PHE A 248 11.91 18.88 -8.56
CA PHE A 248 10.78 19.40 -7.79
C PHE A 248 9.79 18.30 -7.43
N THR A 249 9.45 17.45 -8.41
CA THR A 249 8.44 16.42 -8.19
C THR A 249 8.91 15.36 -7.19
N ALA A 250 10.20 15.06 -7.17
CA ALA A 250 10.73 14.05 -6.25
C ALA A 250 11.19 14.63 -4.92
N THR A 251 11.20 15.96 -4.77
CA THR A 251 11.65 16.57 -3.54
C THR A 251 10.55 17.31 -2.79
N PHE A 252 9.46 17.68 -3.46
CA PHE A 252 8.34 18.31 -2.75
C PHE A 252 7.70 17.38 -1.73
N PRO A 253 7.42 16.10 -2.02
CA PRO A 253 6.85 15.24 -0.98
C PRO A 253 7.73 15.12 0.25
N PHE A 254 9.04 15.07 0.08
CA PHE A 254 9.93 14.94 1.23
C PHE A 254 9.93 16.21 2.07
N ALA A 255 9.90 17.38 1.43
CA ALA A 255 9.78 18.62 2.18
C ALA A 255 8.47 18.71 2.94
N MET A 256 7.37 18.29 2.30
CA MET A 256 6.08 18.27 2.98
C MET A 256 6.10 17.31 4.17
N LEU A 257 6.72 16.14 4.01
CA LEU A 257 6.82 15.21 5.13
C LEU A 257 7.67 15.78 6.25
N LEU A 258 8.73 16.52 5.91
CA LEU A 258 9.53 17.16 6.94
C LEU A 258 8.72 18.20 7.71
N VAL A 259 7.92 19.01 7.00
CA VAL A 259 7.06 19.97 7.68
C VAL A 259 6.05 19.26 8.56
N LEU A 260 5.48 18.15 8.07
CA LEU A 260 4.51 17.41 8.86
C LEU A 260 5.14 16.85 10.14
N LEU A 261 6.37 16.32 10.03
CA LEU A 261 7.05 15.82 11.21
C LEU A 261 7.35 16.94 12.20
N VAL A 262 7.81 18.10 11.70
CA VAL A 262 8.10 19.20 12.61
C VAL A 262 6.84 19.68 13.30
N ARG A 263 5.70 19.69 12.59
CA ARG A 263 4.44 20.05 13.23
C ARG A 263 4.03 19.02 14.28
N GLY A 264 4.14 17.73 13.94
CA GLY A 264 3.68 16.69 14.85
C GLY A 264 4.50 16.60 16.12
N LEU A 265 5.83 16.65 15.99
CA LEU A 265 6.71 16.44 17.13
C LEU A 265 6.61 17.56 18.16
N THR A 266 6.04 18.71 17.79
CA THR A 266 5.95 19.86 18.67
C THR A 266 4.57 20.02 19.31
N LEU A 267 3.71 18.97 19.22
CA LEU A 267 2.37 19.01 19.78
C LEU A 267 2.33 18.28 21.12
N PRO A 268 1.50 18.74 22.05
CA PRO A 268 1.40 18.08 23.36
C PRO A 268 0.93 16.64 23.23
N GLY A 269 1.45 15.80 24.11
CA GLY A 269 1.09 14.39 24.09
C GLY A 269 1.79 13.56 23.05
N ALA A 270 2.78 14.13 22.35
CA ALA A 270 3.52 13.34 21.37
C ALA A 270 4.38 12.28 22.03
N GLY A 271 4.85 12.54 23.26
CA GLY A 271 5.66 11.54 23.94
C GLY A 271 4.91 10.25 24.22
N ALA A 272 3.64 10.37 24.64
CA ALA A 272 2.83 9.19 24.88
C ALA A 272 2.62 8.41 23.58
N GLY A 273 2.38 9.12 22.48
CA GLY A 273 2.23 8.44 21.20
C GLY A 273 3.50 7.73 20.76
N ILE A 274 4.65 8.36 20.98
CA ILE A 274 5.92 7.73 20.63
C ILE A 274 6.16 6.50 21.48
N LYS A 275 5.87 6.58 22.78
CA LYS A 275 6.02 5.44 23.66
C LYS A 275 5.09 4.30 23.26
N PHE A 276 3.86 4.62 22.88
CA PHE A 276 2.94 3.62 22.36
C PHE A 276 3.47 2.99 21.09
N TYR A 277 4.09 3.80 20.22
CA TYR A 277 4.60 3.32 18.94
C TYR A 277 5.87 2.50 19.06
N LEU A 278 6.66 2.68 20.11
CA LEU A 278 7.95 2.02 20.25
C LEU A 278 7.94 0.84 21.22
N TYR A 279 7.51 1.05 22.46
CA TYR A 279 7.63 0.02 23.48
C TYR A 279 6.67 -1.13 23.18
N PRO A 280 7.15 -2.37 23.15
CA PRO A 280 6.29 -3.50 22.77
C PRO A 280 5.61 -4.19 23.94
N ASP A 281 4.48 -4.84 23.66
CA ASP A 281 3.79 -5.70 24.63
C ASP A 281 4.02 -7.15 24.24
N ILE A 282 4.70 -7.90 25.11
CA ILE A 282 5.13 -9.25 24.77
C ILE A 282 3.95 -10.22 24.66
N THR A 283 2.82 -9.90 25.29
CA THR A 283 1.67 -10.81 25.24
C THR A 283 1.12 -10.91 23.83
N ARG A 284 1.09 -9.81 23.09
CA ARG A 284 0.50 -9.80 21.75
C ARG A 284 1.29 -10.64 20.78
N LEU A 285 2.54 -10.99 21.11
CA LEU A 285 3.37 -11.80 20.22
C LEU A 285 2.81 -13.20 20.01
N GLU A 286 1.91 -13.65 20.89
CA GLU A 286 1.32 -14.98 20.77
C GLU A 286 0.12 -15.03 19.84
N ASP A 287 -0.35 -13.88 19.35
CA ASP A 287 -1.47 -13.79 18.41
C ASP A 287 -0.95 -13.85 16.98
N PRO A 288 -1.46 -14.76 16.15
CA PRO A 288 -0.99 -14.84 14.75
C PRO A 288 -1.19 -13.55 13.97
N GLN A 289 -2.16 -12.71 14.36
CA GLN A 289 -2.55 -11.57 13.55
C GLN A 289 -1.40 -10.58 13.39
N VAL A 290 -0.70 -10.27 14.50
CA VAL A 290 0.40 -9.30 14.42
C VAL A 290 1.52 -9.83 13.54
N TRP A 291 1.85 -11.11 13.67
CA TRP A 291 2.92 -11.70 12.88
C TRP A 291 2.56 -11.73 11.39
N ILE A 292 1.28 -11.94 11.07
CA ILE A 292 0.90 -12.02 9.67
C ILE A 292 0.64 -10.64 9.04
N ASP A 293 0.32 -9.62 9.84
CA ASP A 293 0.14 -8.28 9.30
C ASP A 293 1.39 -7.41 9.43
N ALA A 294 2.45 -7.91 10.05
CA ALA A 294 3.72 -7.22 10.03
C ALA A 294 4.60 -7.66 8.87
N GLY A 295 4.56 -8.94 8.52
CA GLY A 295 5.35 -9.44 7.42
C GLY A 295 4.80 -9.14 6.04
N THR A 296 3.55 -8.69 5.96
CA THR A 296 2.95 -8.32 4.68
C THR A 296 2.96 -6.82 4.42
N GLN A 297 3.07 -6.01 5.48
CA GLN A 297 3.21 -4.57 5.27
C GLN A 297 4.48 -4.26 4.49
N ILE A 298 5.57 -4.98 4.79
CA ILE A 298 6.81 -4.80 4.06
C ILE A 298 6.67 -5.26 2.61
N PHE A 299 6.05 -6.42 2.40
CA PHE A 299 5.86 -6.92 1.05
C PHE A 299 4.99 -5.98 0.22
N PHE A 300 4.07 -5.28 0.86
CA PHE A 300 3.27 -4.28 0.18
C PHE A 300 4.06 -3.01 -0.10
N SER A 301 4.84 -2.53 0.87
CA SER A 301 5.57 -1.28 0.69
C SER A 301 6.69 -1.36 -0.33
N TYR A 302 7.38 -2.49 -0.39
CA TYR A 302 8.50 -2.65 -1.29
C TYR A 302 8.07 -3.12 -2.68
N ALA A 303 6.76 -3.18 -2.93
CA ALA A 303 6.22 -3.58 -4.23
C ALA A 303 6.72 -4.96 -4.65
N ILE A 304 6.82 -5.85 -3.69
CA ILE A 304 7.32 -7.20 -3.94
C ILE A 304 6.20 -8.08 -4.48
N CYS A 305 6.56 -8.99 -5.39
CA CYS A 305 5.64 -9.98 -5.95
C CYS A 305 4.51 -9.34 -6.76
N LEU A 306 4.79 -8.20 -7.39
CA LEU A 306 3.83 -7.55 -8.28
C LEU A 306 4.24 -7.61 -9.74
N GLY A 307 5.47 -7.96 -10.05
CA GLY A 307 5.98 -7.90 -11.41
C GLY A 307 6.46 -6.55 -11.85
N ALA A 308 6.34 -5.52 -10.99
CA ALA A 308 6.80 -4.20 -11.36
C ALA A 308 8.32 -4.09 -11.30
N MET A 309 8.94 -4.67 -10.27
CA MET A 309 10.37 -4.53 -10.09
C MET A 309 11.16 -5.37 -11.09
N THR A 310 10.70 -6.58 -11.37
CA THR A 310 11.37 -7.43 -12.36
C THR A 310 11.29 -6.85 -13.76
N SER A 311 10.41 -5.88 -14.00
CA SER A 311 10.35 -5.13 -15.25
C SER A 311 11.12 -3.82 -15.20
N LEU A 312 11.11 -3.15 -14.05
CA LEU A 312 11.90 -1.93 -13.90
C LEU A 312 13.39 -2.22 -14.02
N GLY A 313 13.84 -3.35 -13.48
CA GLY A 313 15.24 -3.71 -13.60
C GLY A 313 15.62 -4.31 -14.94
N SER A 314 14.67 -4.47 -15.86
CA SER A 314 14.96 -5.13 -17.13
C SER A 314 15.71 -4.22 -18.10
N TYR A 315 15.43 -2.91 -18.07
CA TYR A 315 16.03 -1.99 -19.03
C TYR A 315 17.46 -1.61 -18.69
N ASN A 316 17.98 -2.04 -17.55
CA ASN A 316 19.34 -1.67 -17.16
C ASN A 316 20.37 -2.27 -18.10
N LYS A 317 21.55 -1.65 -18.09
CA LYS A 317 22.70 -2.21 -18.81
C LYS A 317 23.21 -3.45 -18.10
N TYR A 318 23.72 -4.40 -18.88
CA TYR A 318 24.18 -5.67 -18.33
C TYR A 318 25.29 -5.45 -17.31
N LYS A 319 26.30 -4.65 -17.65
CA LYS A 319 27.44 -4.42 -16.77
C LYS A 319 27.22 -3.14 -15.94
N TYR A 320 26.33 -3.27 -14.96
CA TYR A 320 25.94 -2.15 -14.10
C TYR A 320 25.85 -2.64 -12.67
N ASN A 321 26.30 -1.80 -11.73
CA ASN A 321 26.33 -2.14 -10.31
C ASN A 321 25.00 -1.75 -9.68
N SER A 322 24.16 -2.75 -9.43
CA SER A 322 22.84 -2.51 -8.86
C SER A 322 22.73 -2.83 -7.38
N TYR A 323 23.74 -3.49 -6.80
CA TYR A 323 23.69 -3.84 -5.39
C TYR A 323 23.64 -2.59 -4.51
N ARG A 324 24.56 -1.67 -4.76
CA ARG A 324 24.62 -0.45 -3.96
C ARG A 324 23.30 0.28 -4.04
N ASP A 325 22.77 0.43 -5.24
CA ASP A 325 21.51 1.14 -5.42
C ASP A 325 20.35 0.44 -4.72
N CYS A 326 20.29 -0.88 -4.84
CA CYS A 326 19.23 -1.63 -4.18
C CYS A 326 19.29 -1.42 -2.68
N MET A 327 20.51 -1.33 -2.15
CA MET A 327 20.66 -1.13 -0.72
C MET A 327 20.26 0.29 -0.31
N LEU A 328 20.72 1.29 -1.06
CA LEU A 328 20.39 2.68 -0.72
C LEU A 328 18.90 2.94 -0.85
N LEU A 329 18.27 2.40 -1.90
CA LEU A 329 16.84 2.63 -2.09
C LEU A 329 16.03 1.95 -0.99
N GLY A 330 16.41 0.75 -0.59
CA GLY A 330 15.74 0.09 0.53
C GLY A 330 15.89 0.87 1.83
N CYS A 331 17.09 1.41 2.07
CA CYS A 331 17.29 2.24 3.25
C CYS A 331 16.38 3.46 3.20
N LEU A 332 16.28 4.11 2.03
CA LEU A 332 15.42 5.29 1.90
C LEU A 332 13.96 4.93 2.19
N ASN A 333 13.49 3.82 1.64
CA ASN A 333 12.10 3.43 1.84
C ASN A 333 11.80 3.15 3.31
N SER A 334 12.63 2.32 3.94
CA SER A 334 12.37 1.97 5.34
C SER A 334 12.49 3.17 6.25
N GLY A 335 13.47 4.04 6.01
CA GLY A 335 13.59 5.25 6.81
C GLY A 335 12.39 6.17 6.64
N THR A 336 11.89 6.30 5.42
CA THR A 336 10.70 7.11 5.19
C THR A 336 9.51 6.56 5.96
N SER A 337 9.31 5.24 5.93
CA SER A 337 8.19 4.65 6.66
C SER A 337 8.33 4.89 8.16
N PHE A 338 9.54 4.70 8.69
CA PHE A 338 9.77 4.83 10.13
C PHE A 338 9.56 6.28 10.60
N VAL A 339 10.08 7.24 9.82
CA VAL A 339 9.92 8.65 10.15
C VAL A 339 8.45 9.07 10.04
N SER A 340 7.76 8.62 8.98
CA SER A 340 6.33 8.94 8.86
C SER A 340 5.53 8.32 9.99
N GLY A 341 5.94 7.14 10.46
CA GLY A 341 5.30 6.57 11.64
C GLY A 341 5.43 7.46 12.85
N PHE A 342 6.64 7.97 13.10
CA PHE A 342 6.79 8.99 14.14
C PHE A 342 5.81 10.14 13.94
N ALA A 343 5.75 10.67 12.71
CA ALA A 343 4.97 11.86 12.44
C ALA A 343 3.49 11.63 12.73
N ILE A 344 2.95 10.49 12.29
CA ILE A 344 1.52 10.25 12.46
C ILE A 344 1.18 9.87 13.90
N PHE A 345 2.05 9.10 14.56
CA PHE A 345 1.73 8.68 15.91
C PHE A 345 1.85 9.81 16.92
N SER A 346 2.67 10.83 16.63
CA SER A 346 2.70 11.99 17.52
C SER A 346 1.34 12.67 17.58
N ILE A 347 0.75 12.96 16.41
CA ILE A 347 -0.56 13.62 16.41
C ILE A 347 -1.65 12.66 16.87
N LEU A 348 -1.48 11.36 16.67
CA LEU A 348 -2.44 10.40 17.21
C LEU A 348 -2.47 10.46 18.73
N GLY A 349 -1.29 10.47 19.36
CA GLY A 349 -1.24 10.62 20.80
C GLY A 349 -1.78 11.96 21.26
N PHE A 350 -1.53 13.02 20.48
CA PHE A 350 -2.08 14.33 20.81
C PHE A 350 -3.61 14.30 20.81
N MET A 351 -4.21 13.71 19.78
CA MET A 351 -5.66 13.62 19.71
C MET A 351 -6.22 12.78 20.85
N ALA A 352 -5.55 11.67 21.17
CA ALA A 352 -6.02 10.82 22.26
C ALA A 352 -6.00 11.57 23.59
N GLN A 353 -4.96 12.37 23.83
CA GLN A 353 -4.95 13.19 25.02
C GLN A 353 -6.03 14.28 24.96
N GLU A 354 -6.28 14.83 23.78
CA GLU A 354 -7.23 15.94 23.66
C GLU A 354 -8.66 15.48 23.93
N GLN A 355 -9.02 14.28 23.47
CA GLN A 355 -10.35 13.75 23.68
C GLN A 355 -10.52 13.06 25.03
N GLY A 356 -9.43 12.86 25.77
CA GLY A 356 -9.52 12.25 27.09
C GLY A 356 -9.96 10.80 27.11
N VAL A 357 -9.51 10.01 26.13
CA VAL A 357 -9.84 8.59 26.06
C VAL A 357 -8.56 7.81 25.77
N ASP A 358 -8.73 6.49 25.63
CA ASP A 358 -7.59 5.61 25.42
C ASP A 358 -6.96 5.84 24.05
N ILE A 359 -5.67 5.52 23.94
CA ILE A 359 -4.97 5.67 22.67
C ILE A 359 -5.63 4.82 21.58
N ALA A 360 -6.06 3.62 21.95
CA ALA A 360 -6.69 2.71 21.00
C ALA A 360 -8.17 3.03 20.76
N ASP A 361 -8.74 3.98 21.50
CA ASP A 361 -10.14 4.36 21.35
C ASP A 361 -10.33 5.69 20.62
N VAL A 362 -9.36 6.06 19.78
CA VAL A 362 -9.46 7.25 18.95
C VAL A 362 -9.33 6.84 17.50
N ALA A 363 -9.82 7.70 16.61
CA ALA A 363 -9.74 7.52 15.17
C ALA A 363 -10.36 6.17 14.81
N GLU A 364 -9.69 5.34 14.00
CA GLU A 364 -10.33 4.16 13.44
C GLU A 364 -9.28 3.06 13.23
N SER A 365 -9.66 1.84 13.58
CA SER A 365 -8.82 0.68 13.30
C SER A 365 -9.06 0.21 11.88
N GLY A 366 -8.92 1.11 10.91
CA GLY A 366 -9.17 0.80 9.53
C GLY A 366 -8.54 1.79 8.59
N PRO A 367 -8.92 1.73 7.30
CA PRO A 367 -8.27 2.58 6.29
C PRO A 367 -8.52 4.07 6.47
N GLY A 368 -9.37 4.48 7.41
CA GLY A 368 -9.64 5.90 7.59
C GLY A 368 -8.76 6.61 8.60
N LEU A 369 -7.67 5.98 9.05
CA LEU A 369 -6.83 6.62 10.07
C LEU A 369 -6.15 7.88 9.53
N ALA A 370 -5.60 7.80 8.31
CA ALA A 370 -4.90 8.95 7.75
C ALA A 370 -5.83 10.13 7.51
N PHE A 371 -7.02 9.88 6.96
CA PHE A 371 -8.00 10.90 6.68
C PHE A 371 -8.66 11.46 7.93
N ILE A 372 -8.25 11.00 9.11
CA ILE A 372 -8.66 11.58 10.38
C ILE A 372 -7.49 12.29 11.06
N ALA A 373 -6.29 11.71 10.96
CA ALA A 373 -5.13 12.29 11.64
C ALA A 373 -4.60 13.50 10.89
N TYR A 374 -4.30 13.34 9.59
CA TYR A 374 -3.67 14.43 8.85
C TYR A 374 -4.55 15.68 8.73
N PRO A 375 -5.84 15.59 8.38
CA PRO A 375 -6.66 16.81 8.39
C PRO A 375 -6.70 17.50 9.74
N LYS A 376 -6.74 16.73 10.83
CA LYS A 376 -6.69 17.33 12.15
C LYS A 376 -5.38 18.07 12.37
N ALA A 377 -4.29 17.55 11.80
CA ALA A 377 -3.00 18.22 11.90
C ALA A 377 -3.01 19.54 11.13
N VAL A 378 -3.46 19.51 9.87
CA VAL A 378 -3.45 20.71 9.05
C VAL A 378 -4.48 21.74 9.51
N THR A 379 -5.43 21.35 10.34
CA THR A 379 -6.37 22.32 10.90
C THR A 379 -5.69 23.36 11.79
N MET A 380 -4.52 23.06 12.35
CA MET A 380 -3.84 23.97 13.26
C MET A 380 -2.63 24.68 12.68
N MET A 381 -2.20 24.33 11.47
CA MET A 381 -1.12 25.07 10.82
C MET A 381 -1.61 26.46 10.41
N PRO A 382 -0.74 27.47 10.39
CA PRO A 382 -1.15 28.79 9.92
C PRO A 382 -1.61 28.75 8.47
N LEU A 383 -2.68 29.50 8.17
CA LEU A 383 -3.33 29.47 6.87
C LEU A 383 -3.72 28.03 6.52
N PRO A 384 -4.71 27.46 7.21
CA PRO A 384 -4.98 26.02 7.06
C PRO A 384 -5.32 25.60 5.64
N THR A 385 -6.01 26.44 4.87
CA THR A 385 -6.42 26.06 3.52
C THR A 385 -5.21 25.83 2.62
N PHE A 386 -4.21 26.70 2.72
CA PHE A 386 -3.02 26.58 1.89
C PHE A 386 -2.28 25.28 2.16
N TRP A 387 -2.05 24.98 3.44
CA TRP A 387 -1.35 23.75 3.79
C TRP A 387 -2.17 22.52 3.46
N SER A 388 -3.50 22.62 3.58
CA SER A 388 -4.37 21.51 3.20
C SER A 388 -4.25 21.22 1.71
N ILE A 389 -4.27 22.27 0.89
CA ILE A 389 -4.12 22.08 -0.56
C ILE A 389 -2.76 21.46 -0.86
N LEU A 390 -1.70 21.97 -0.22
CA LEU A 390 -0.37 21.41 -0.47
C LEU A 390 -0.28 19.95 -0.07
N PHE A 391 -0.84 19.59 1.10
CA PHE A 391 -0.79 18.22 1.57
C PHE A 391 -1.55 17.29 0.64
N PHE A 392 -2.73 17.70 0.20
CA PHE A 392 -3.48 16.83 -0.70
C PHE A 392 -2.85 16.76 -2.09
N ILE A 393 -2.18 17.83 -2.52
CA ILE A 393 -1.45 17.77 -3.78
C ILE A 393 -0.29 16.79 -3.69
N MET A 394 0.48 16.83 -2.60
CA MET A 394 1.60 15.89 -2.49
C MET A 394 1.09 14.46 -2.30
N LEU A 395 -0.02 14.28 -1.60
CA LEU A 395 -0.61 12.96 -1.48
C LEU A 395 -1.03 12.42 -2.85
N LEU A 396 -1.63 13.29 -3.67
CA LEU A 396 -1.99 12.89 -5.04
C LEU A 396 -0.76 12.57 -5.86
N LEU A 397 0.31 13.34 -5.72
CA LEU A 397 1.53 13.05 -6.47
C LEU A 397 2.11 11.70 -6.09
N LEU A 398 2.21 11.43 -4.78
CA LEU A 398 2.73 10.16 -4.30
C LEU A 398 1.87 9.00 -4.79
N GLY A 399 0.55 9.14 -4.72
CA GLY A 399 -0.31 8.08 -5.22
C GLY A 399 -0.23 7.88 -6.72
N LEU A 400 -0.26 8.99 -7.46
CA LEU A 400 -0.26 8.90 -8.92
C LEU A 400 0.99 8.31 -9.55
N ASP A 401 2.17 8.74 -9.12
CA ASP A 401 3.38 8.22 -9.77
C ASP A 401 3.47 6.72 -9.52
N SER A 402 3.07 6.26 -8.33
CA SER A 402 3.02 4.83 -8.07
C SER A 402 1.99 4.18 -8.99
N GLN A 403 0.80 4.75 -9.08
CA GLN A 403 -0.24 4.24 -9.98
C GLN A 403 0.30 4.12 -11.40
N PHE A 404 1.03 5.15 -11.87
CA PHE A 404 1.62 5.09 -13.20
C PHE A 404 2.58 3.92 -13.31
N VAL A 405 3.45 3.76 -12.31
CA VAL A 405 4.45 2.69 -12.37
C VAL A 405 3.79 1.32 -12.40
N GLU A 406 2.77 1.11 -11.55
CA GLU A 406 2.12 -0.20 -11.48
C GLU A 406 1.31 -0.49 -12.75
N VAL A 407 0.60 0.51 -13.27
CA VAL A 407 -0.14 0.29 -14.52
C VAL A 407 0.82 0.00 -15.67
N GLU A 408 1.94 0.74 -15.73
CA GLU A 408 2.94 0.48 -16.75
C GLU A 408 3.52 -0.92 -16.62
N GLY A 409 3.78 -1.36 -15.39
CA GLY A 409 4.29 -2.70 -15.18
C GLY A 409 3.30 -3.77 -15.60
N GLN A 410 2.03 -3.59 -15.28
CA GLN A 410 0.99 -4.53 -15.71
C GLN A 410 0.91 -4.58 -17.23
N ILE A 411 0.92 -3.41 -17.87
CA ILE A 411 0.79 -3.36 -19.33
C ILE A 411 1.99 -4.01 -19.99
N THR A 412 3.20 -3.76 -19.48
CA THR A 412 4.39 -4.42 -20.02
C THR A 412 4.29 -5.93 -19.83
N SER A 413 4.00 -6.39 -18.61
CA SER A 413 3.90 -7.81 -18.37
C SER A 413 2.90 -8.46 -19.31
N LEU A 414 1.85 -7.71 -19.68
CA LEU A 414 0.89 -8.23 -20.65
C LEU A 414 1.45 -8.23 -22.07
N VAL A 415 2.17 -7.16 -22.47
CA VAL A 415 2.54 -7.03 -23.88
C VAL A 415 3.73 -7.90 -24.25
N ASP A 416 4.60 -8.22 -23.29
CA ASP A 416 5.62 -9.23 -23.56
C ASP A 416 5.01 -10.60 -23.87
N LEU A 417 3.76 -10.84 -23.50
CA LEU A 417 3.10 -12.09 -23.90
C LEU A 417 2.74 -12.08 -25.38
N TYR A 418 2.21 -10.97 -25.88
CA TYR A 418 1.82 -10.85 -27.28
C TYR A 418 2.42 -9.58 -27.88
N PRO A 419 3.64 -9.64 -28.41
CA PRO A 419 4.24 -8.42 -28.97
C PRO A 419 3.62 -8.02 -30.30
N SER A 420 3.43 -8.98 -31.20
CA SER A 420 2.92 -8.68 -32.52
C SER A 420 1.50 -8.10 -32.46
N PHE A 421 0.63 -8.73 -31.66
CA PHE A 421 -0.73 -8.22 -31.55
C PHE A 421 -0.75 -6.89 -30.78
N LEU A 422 -0.07 -6.84 -29.63
CA LEU A 422 -0.01 -5.62 -28.83
C LEU A 422 1.23 -4.81 -29.22
N ARG A 423 1.39 -4.63 -30.52
CA ARG A 423 2.40 -3.75 -31.08
C ARG A 423 2.07 -2.30 -30.75
N LYS A 424 3.09 -1.45 -30.70
CA LYS A 424 2.88 -0.03 -30.45
C LYS A 424 2.05 0.58 -31.58
N GLY A 425 1.06 1.36 -31.21
CA GLY A 425 0.14 1.96 -32.16
C GLY A 425 -1.22 2.16 -31.52
N TYR A 426 -2.26 2.06 -32.36
CA TYR A 426 -3.62 2.26 -31.88
C TYR A 426 -4.08 1.11 -31.00
N ARG A 427 -3.65 -0.12 -31.30
CA ARG A 427 -4.10 -1.28 -30.53
C ARG A 427 -3.70 -1.17 -29.07
N ARG A 428 -2.44 -0.81 -28.79
CA ARG A 428 -1.99 -0.63 -27.42
C ARG A 428 -2.72 0.50 -26.71
N GLU A 429 -3.19 1.50 -27.46
CA GLU A 429 -3.91 2.62 -26.87
C GLU A 429 -5.34 2.22 -26.48
N ILE A 430 -6.03 1.52 -27.37
CA ILE A 430 -7.38 1.05 -27.05
C ILE A 430 -7.32 -0.01 -25.95
N PHE A 431 -6.21 -0.74 -25.86
CA PHE A 431 -6.01 -1.66 -24.75
C PHE A 431 -6.04 -0.93 -23.42
N ILE A 432 -5.29 0.17 -23.31
CA ILE A 432 -5.28 0.97 -22.09
C ILE A 432 -6.67 1.53 -21.82
N ALA A 433 -7.34 2.00 -22.87
CA ALA A 433 -8.69 2.53 -22.70
C ALA A 433 -9.64 1.49 -22.12
N PHE A 434 -9.61 0.27 -22.68
CA PHE A 434 -10.48 -0.80 -22.20
C PHE A 434 -10.17 -1.16 -20.77
N VAL A 435 -8.88 -1.28 -20.43
CA VAL A 435 -8.50 -1.64 -19.07
C VAL A 435 -8.98 -0.58 -18.08
N CYS A 436 -8.78 0.70 -18.43
CA CYS A 436 -9.23 1.78 -17.55
C CYS A 436 -10.73 1.76 -17.37
N SER A 437 -11.48 1.57 -18.46
CA SER A 437 -12.94 1.56 -18.36
C SER A 437 -13.43 0.40 -17.49
N ILE A 438 -12.88 -0.80 -17.69
CA ILE A 438 -13.31 -1.94 -16.89
C ILE A 438 -12.95 -1.76 -15.42
N SER A 439 -11.76 -1.22 -15.15
CA SER A 439 -11.37 -0.98 -13.77
C SER A 439 -12.27 0.05 -13.10
N TYR A 440 -12.65 1.09 -13.84
CA TYR A 440 -13.59 2.08 -13.29
C TYR A 440 -14.94 1.44 -12.99
N LEU A 441 -15.44 0.62 -13.91
CA LEU A 441 -16.72 -0.04 -13.70
C LEU A 441 -16.68 -0.94 -12.47
N LEU A 442 -15.62 -1.71 -12.30
CA LEU A 442 -15.53 -2.58 -11.13
C LEU A 442 -15.38 -1.77 -9.85
N GLY A 443 -14.58 -0.71 -9.87
CA GLY A 443 -14.40 0.11 -8.69
C GLY A 443 -15.62 0.94 -8.33
N LEU A 444 -16.61 1.02 -9.21
CA LEU A 444 -17.87 1.68 -8.86
C LEU A 444 -18.54 1.04 -7.64
N THR A 445 -18.27 -0.24 -7.37
CA THR A 445 -18.92 -0.92 -6.26
C THR A 445 -18.45 -0.42 -4.90
N MET A 446 -17.35 0.33 -4.85
CA MET A 446 -16.81 0.82 -3.59
C MET A 446 -17.23 2.25 -3.27
N VAL A 447 -17.97 2.92 -4.17
CA VAL A 447 -18.43 4.28 -3.94
C VAL A 447 -19.91 4.34 -3.61
N THR A 448 -20.57 3.20 -3.45
CA THR A 448 -21.94 3.17 -2.99
C THR A 448 -21.98 3.48 -1.49
N GLU A 449 -23.17 3.39 -0.90
CA GLU A 449 -23.29 3.65 0.53
C GLU A 449 -22.74 2.52 1.38
N GLY A 450 -22.57 1.33 0.81
CA GLY A 450 -21.97 0.22 1.52
C GLY A 450 -20.68 -0.24 0.88
N GLY A 451 -19.94 0.72 0.32
CA GLY A 451 -18.69 0.36 -0.37
C GLY A 451 -17.51 0.21 0.57
N MET A 452 -17.62 0.76 1.78
CA MET A 452 -16.52 0.69 2.73
C MET A 452 -16.22 -0.75 3.13
N TYR A 453 -17.26 -1.55 3.34
CA TYR A 453 -17.07 -2.95 3.70
C TYR A 453 -16.39 -3.72 2.57
N VAL A 454 -16.80 -3.48 1.33
CA VAL A 454 -16.14 -4.10 0.19
C VAL A 454 -14.69 -3.65 0.12
N PHE A 455 -14.42 -2.37 0.42
CA PHE A 455 -13.05 -1.87 0.39
C PHE A 455 -12.18 -2.54 1.44
N GLN A 456 -12.69 -2.69 2.66
CA GLN A 456 -11.92 -3.36 3.70
C GLN A 456 -11.68 -4.81 3.37
N LEU A 457 -12.69 -5.48 2.81
CA LEU A 457 -12.51 -6.87 2.37
C LEU A 457 -11.42 -6.97 1.30
N PHE A 458 -11.43 -6.04 0.35
CA PHE A 458 -10.41 -6.03 -0.70
C PHE A 458 -9.03 -5.79 -0.10
N ASP A 459 -8.91 -4.83 0.79
CA ASP A 459 -7.60 -4.50 1.35
C ASP A 459 -7.05 -5.71 2.10
N TYR A 460 -7.90 -6.42 2.82
CA TYR A 460 -7.45 -7.56 3.62
C TYR A 460 -7.18 -8.84 2.84
N TYR A 461 -7.91 -9.08 1.75
CA TYR A 461 -7.76 -10.36 1.06
C TYR A 461 -7.15 -10.25 -0.33
N ALA A 462 -7.41 -9.18 -1.08
CA ALA A 462 -7.07 -9.11 -2.49
C ALA A 462 -5.57 -9.14 -2.76
N ALA A 463 -4.84 -8.14 -2.27
CA ALA A 463 -3.42 -7.97 -2.61
C ALA A 463 -2.60 -7.80 -1.34
N SER A 464 -2.84 -8.68 -0.36
CA SER A 464 -2.14 -8.63 0.90
C SER A 464 -2.35 -9.95 1.62
N GLY A 465 -1.60 -10.13 2.71
CA GLY A 465 -1.79 -11.28 3.57
C GLY A 465 -1.22 -12.58 3.06
N VAL A 466 -2.08 -13.59 3.00
CA VAL A 466 -1.64 -14.97 2.77
C VAL A 466 -1.20 -15.21 1.32
N CYS A 467 -1.81 -14.52 0.35
CA CYS A 467 -1.39 -14.70 -1.04
C CYS A 467 0.03 -14.17 -1.27
N LEU A 468 0.37 -13.05 -0.62
CA LEU A 468 1.73 -12.54 -0.71
C LEU A 468 2.73 -13.52 -0.12
N LEU A 469 2.41 -14.12 1.03
CA LEU A 469 3.26 -15.15 1.60
C LEU A 469 3.42 -16.33 0.65
N TRP A 470 2.32 -16.74 0.03
CA TRP A 470 2.35 -17.84 -0.92
C TRP A 470 3.36 -17.57 -2.04
N VAL A 471 3.23 -16.42 -2.69
CA VAL A 471 4.08 -16.13 -3.85
C VAL A 471 5.53 -15.89 -3.43
N ALA A 472 5.75 -15.20 -2.30
CA ALA A 472 7.12 -14.94 -1.85
C ALA A 472 7.83 -16.23 -1.47
N PHE A 473 7.13 -17.13 -0.75
CA PHE A 473 7.72 -18.41 -0.40
C PHE A 473 8.07 -19.20 -1.66
N PHE A 474 7.18 -19.21 -2.65
CA PHE A 474 7.48 -19.97 -3.85
C PHE A 474 8.67 -19.37 -4.61
N GLU A 475 8.76 -18.03 -4.66
CA GLU A 475 9.89 -17.38 -5.31
C GLU A 475 11.21 -17.77 -4.64
N CYS A 476 11.28 -17.59 -3.32
CA CYS A 476 12.52 -17.90 -2.61
C CYS A 476 12.88 -19.37 -2.74
N PHE A 477 11.89 -20.26 -2.62
CA PHE A 477 12.15 -21.68 -2.73
C PHE A 477 12.68 -22.05 -4.12
N VAL A 478 12.02 -21.59 -5.18
CA VAL A 478 12.45 -21.97 -6.53
C VAL A 478 13.81 -21.38 -6.87
N ILE A 479 14.15 -20.21 -6.34
CA ILE A 479 15.45 -19.63 -6.64
C ILE A 479 16.58 -20.19 -5.77
N ALA A 480 16.27 -20.71 -4.59
CA ALA A 480 17.32 -21.16 -3.68
C ALA A 480 17.55 -22.66 -3.72
N TRP A 481 16.54 -23.47 -4.04
CA TRP A 481 16.69 -24.92 -4.01
C TRP A 481 16.60 -25.58 -5.37
N ILE A 482 15.96 -24.95 -6.35
CA ILE A 482 15.84 -25.51 -7.69
C ILE A 482 16.93 -24.96 -8.62
N TYR A 483 17.25 -23.68 -8.51
CA TYR A 483 18.21 -23.03 -9.39
C TYR A 483 19.61 -23.00 -8.80
N GLY A 484 19.75 -22.57 -7.53
CA GLY A 484 21.04 -22.58 -6.87
C GLY A 484 21.54 -21.20 -6.51
N GLY A 485 21.87 -20.99 -5.23
CA GLY A 485 22.41 -19.71 -4.80
C GLY A 485 23.78 -19.43 -5.37
N ASP A 486 24.66 -20.43 -5.39
CA ASP A 486 26.00 -20.25 -5.93
C ASP A 486 25.96 -19.99 -7.43
N ASN A 487 25.06 -20.68 -8.13
CA ASN A 487 24.92 -20.46 -9.57
C ASN A 487 24.52 -19.03 -9.85
N LEU A 488 23.63 -18.46 -9.03
CA LEU A 488 23.29 -17.05 -9.16
C LEU A 488 24.48 -16.17 -8.85
N TYR A 489 25.16 -16.43 -7.72
CA TYR A 489 26.29 -15.60 -7.32
C TYR A 489 27.33 -15.50 -8.41
N ASP A 490 27.52 -16.57 -9.17
CA ASP A 490 28.41 -16.50 -10.33
C ASP A 490 27.95 -15.42 -11.31
N GLY A 491 26.64 -15.40 -11.59
CA GLY A 491 26.10 -14.38 -12.49
C GLY A 491 26.27 -12.97 -11.96
N ILE A 492 25.95 -12.77 -10.67
CA ILE A 492 26.16 -11.44 -10.10
C ILE A 492 27.62 -11.02 -10.22
N GLU A 493 28.55 -11.90 -9.81
CA GLU A 493 29.97 -11.54 -9.89
C GLU A 493 30.37 -11.23 -11.33
N ASP A 494 29.78 -11.92 -12.30
CA ASP A 494 30.04 -11.59 -13.69
C ASP A 494 29.50 -10.21 -14.04
N MET A 495 28.39 -9.82 -13.42
CA MET A 495 27.71 -8.57 -13.76
C MET A 495 28.06 -7.41 -12.83
N ILE A 496 28.68 -7.66 -11.68
CA ILE A 496 28.93 -6.59 -10.72
C ILE A 496 30.42 -6.32 -10.53
N GLY A 497 31.30 -7.32 -10.71
CA GLY A 497 32.73 -7.14 -10.59
C GLY A 497 33.35 -7.80 -9.39
N TYR A 498 32.55 -8.26 -8.42
CA TYR A 498 33.09 -8.92 -7.25
C TYR A 498 32.07 -9.89 -6.67
N ARG A 499 32.54 -10.81 -5.85
CA ARG A 499 31.65 -11.78 -5.21
C ARG A 499 31.00 -11.17 -3.97
N PRO A 500 29.68 -11.13 -3.88
CA PRO A 500 29.03 -10.59 -2.69
C PRO A 500 29.17 -11.52 -1.49
N GLY A 501 28.74 -11.03 -0.34
CA GLY A 501 28.72 -11.80 0.87
C GLY A 501 27.65 -12.88 0.84
N PRO A 502 27.79 -13.90 1.70
CA PRO A 502 26.83 -15.00 1.70
C PRO A 502 25.53 -14.71 2.43
N TRP A 503 25.24 -13.44 2.74
CA TRP A 503 24.06 -13.11 3.53
C TRP A 503 22.77 -13.45 2.79
N MET A 504 22.66 -13.06 1.53
CA MET A 504 21.42 -13.27 0.81
C MET A 504 21.23 -14.73 0.43
N LYS A 505 22.33 -15.47 0.25
CA LYS A 505 22.22 -16.90 -0.02
C LYS A 505 21.52 -17.61 1.13
N TYR A 506 22.01 -17.40 2.35
CA TYR A 506 21.39 -18.03 3.51
C TYR A 506 20.04 -17.40 3.85
N SER A 507 19.80 -16.16 3.43
CA SER A 507 18.44 -15.62 3.56
C SER A 507 17.47 -16.43 2.72
N TRP A 508 17.68 -16.45 1.40
CA TRP A 508 16.79 -17.15 0.49
C TRP A 508 16.67 -18.63 0.86
N ALA A 509 17.77 -19.26 1.29
CA ALA A 509 17.75 -20.70 1.49
C ALA A 509 16.83 -21.12 2.63
N VAL A 510 16.96 -20.48 3.80
CA VAL A 510 16.28 -20.94 5.00
C VAL A 510 15.38 -19.87 5.61
N ILE A 511 15.83 -18.61 5.66
CA ILE A 511 15.22 -17.66 6.58
C ILE A 511 13.81 -17.29 6.14
N THR A 512 13.62 -17.06 4.85
CA THR A 512 12.31 -16.63 4.36
C THR A 512 11.31 -17.77 4.29
N PRO A 513 11.65 -18.94 3.73
CA PRO A 513 10.68 -20.05 3.72
C PRO A 513 10.19 -20.44 5.10
N VAL A 514 11.07 -20.44 6.11
CA VAL A 514 10.66 -20.83 7.45
C VAL A 514 9.61 -19.87 7.98
N LEU A 515 9.85 -18.57 7.85
CA LEU A 515 8.90 -17.57 8.33
C LEU A 515 7.57 -17.66 7.56
N CYS A 516 7.65 -17.83 6.23
CA CYS A 516 6.45 -17.90 5.42
C CYS A 516 5.59 -19.11 5.74
N VAL A 517 6.20 -20.26 5.98
CA VAL A 517 5.44 -21.45 6.37
C VAL A 517 4.90 -21.33 7.79
N GLY A 518 5.72 -20.80 8.70
CA GLY A 518 5.29 -20.68 10.08
C GLY A 518 4.10 -19.77 10.25
N CYS A 519 4.12 -18.62 9.59
CA CYS A 519 2.99 -17.69 9.70
C CYS A 519 1.72 -18.30 9.14
N PHE A 520 1.81 -18.97 7.99
CA PHE A 520 0.63 -19.57 7.38
C PHE A 520 0.04 -20.66 8.26
N ILE A 521 0.88 -21.58 8.74
CA ILE A 521 0.39 -22.65 9.60
C ILE A 521 -0.19 -22.09 10.90
N PHE A 522 0.51 -21.11 11.49
CA PHE A 522 0.06 -20.54 12.76
C PHE A 522 -1.27 -19.82 12.60
N SER A 523 -1.48 -19.18 11.45
CA SER A 523 -2.77 -18.54 11.20
C SER A 523 -3.88 -19.58 11.00
N LEU A 524 -3.59 -20.66 10.27
CA LEU A 524 -4.60 -21.68 10.06
C LEU A 524 -4.99 -22.38 11.35
N VAL A 525 -4.02 -22.64 12.23
CA VAL A 525 -4.31 -23.36 13.47
C VAL A 525 -5.24 -22.55 14.35
N LYS A 526 -4.97 -21.25 14.49
CA LYS A 526 -5.80 -20.35 15.30
C LYS A 526 -6.47 -19.37 14.35
N TYR A 527 -7.73 -19.65 13.99
CA TYR A 527 -8.46 -18.86 13.01
C TYR A 527 -9.35 -17.85 13.71
N VAL A 528 -9.28 -16.60 13.26
CA VAL A 528 -10.14 -15.54 13.77
C VAL A 528 -10.74 -14.78 12.59
N PRO A 529 -12.05 -14.61 12.52
CA PRO A 529 -12.65 -13.90 11.39
C PRO A 529 -12.33 -12.41 11.39
N LEU A 530 -12.31 -11.83 10.19
CA LEU A 530 -12.08 -10.40 10.03
C LEU A 530 -13.27 -9.60 10.54
N THR A 531 -12.99 -8.50 11.22
CA THR A 531 -14.02 -7.58 11.69
C THR A 531 -13.66 -6.17 11.25
N TYR A 532 -14.57 -5.50 10.55
CA TYR A 532 -14.33 -4.11 10.19
C TYR A 532 -14.35 -3.23 11.43
N ASN A 533 -13.38 -2.32 11.50
CA ASN A 533 -13.14 -1.52 12.70
C ASN A 533 -13.03 -2.45 13.90
N LYS A 534 -13.85 -2.27 14.91
CA LYS A 534 -13.81 -3.21 16.02
C LYS A 534 -15.13 -3.90 16.30
N THR A 535 -16.25 -3.16 16.23
CA THR A 535 -17.57 -3.72 16.51
C THR A 535 -18.32 -3.91 15.19
N TYR A 536 -18.04 -5.02 14.51
CA TYR A 536 -18.79 -5.44 13.34
C TYR A 536 -18.47 -6.89 13.05
N VAL A 537 -19.48 -7.63 12.62
CA VAL A 537 -19.35 -9.05 12.30
C VAL A 537 -19.76 -9.27 10.86
N TYR A 538 -18.91 -9.90 10.11
CA TYR A 538 -19.23 -10.11 8.71
C TYR A 538 -20.10 -11.35 8.53
N PRO A 539 -21.07 -11.29 7.63
CA PRO A 539 -21.82 -12.51 7.26
C PRO A 539 -20.91 -13.53 6.61
N ASN A 540 -21.35 -14.80 6.67
CA ASN A 540 -20.52 -15.90 6.22
C ASN A 540 -20.24 -15.83 4.72
N TRP A 541 -21.23 -15.43 3.93
CA TRP A 541 -21.02 -15.35 2.49
C TRP A 541 -20.01 -14.26 2.13
N ALA A 542 -19.92 -13.19 2.92
CA ALA A 542 -18.89 -12.19 2.68
C ALA A 542 -17.49 -12.76 2.90
N ILE A 543 -17.31 -13.54 3.97
CA ILE A 543 -16.03 -14.18 4.22
C ILE A 543 -15.70 -15.17 3.11
N GLY A 544 -16.72 -15.89 2.63
CA GLY A 544 -16.52 -16.77 1.49
C GLY A 544 -16.06 -16.01 0.26
N LEU A 545 -16.65 -14.84 0.01
CA LEU A 545 -16.25 -14.01 -1.11
C LEU A 545 -14.80 -13.55 -0.97
N GLY A 546 -14.40 -13.15 0.24
CA GLY A 546 -13.02 -12.75 0.46
C GLY A 546 -12.03 -13.89 0.24
N TRP A 547 -12.38 -15.07 0.76
CA TRP A 547 -11.52 -16.23 0.55
C TRP A 547 -11.45 -16.61 -0.92
N SER A 548 -12.55 -16.42 -1.66
CA SER A 548 -12.50 -16.61 -3.11
C SER A 548 -11.58 -15.60 -3.77
N LEU A 549 -11.58 -14.36 -3.30
CA LEU A 549 -10.67 -13.34 -3.83
C LEU A 549 -9.22 -13.78 -3.65
N ALA A 550 -8.87 -14.25 -2.45
CA ALA A 550 -7.50 -14.71 -2.21
C ALA A 550 -7.17 -15.95 -3.03
N LEU A 551 -8.10 -16.91 -3.10
CA LEU A 551 -7.84 -18.15 -3.82
C LEU A 551 -7.74 -17.94 -5.32
N SER A 552 -8.37 -16.89 -5.86
CA SER A 552 -8.23 -16.59 -7.28
C SER A 552 -6.78 -16.32 -7.63
N SER A 553 -6.06 -15.62 -6.76
CA SER A 553 -4.63 -15.40 -6.96
C SER A 553 -3.82 -16.66 -6.63
N MET A 554 -4.20 -17.36 -5.55
CA MET A 554 -3.41 -18.53 -5.15
C MET A 554 -3.40 -19.63 -6.21
N LEU A 555 -4.58 -20.03 -6.69
CA LEU A 555 -4.69 -21.21 -7.53
C LEU A 555 -3.98 -21.09 -8.87
N CYS A 556 -3.45 -19.93 -9.22
CA CYS A 556 -2.65 -19.83 -10.44
C CYS A 556 -1.41 -20.70 -10.36
N VAL A 557 -0.79 -20.80 -9.19
CA VAL A 557 0.44 -21.57 -9.00
C VAL A 557 0.23 -23.07 -9.23
N PRO A 558 -0.79 -23.73 -8.64
CA PRO A 558 -0.94 -25.18 -8.88
C PRO A 558 -1.63 -25.52 -10.21
N LEU A 559 -2.53 -24.66 -10.68
CA LEU A 559 -3.19 -24.94 -11.95
C LEU A 559 -2.21 -24.90 -13.10
N VAL A 560 -1.27 -23.96 -13.10
CA VAL A 560 -0.27 -23.92 -14.16
C VAL A 560 0.61 -25.16 -14.10
N ILE A 561 0.91 -25.64 -12.88
CA ILE A 561 1.73 -26.84 -12.73
C ILE A 561 1.02 -28.05 -13.30
N VAL A 562 -0.27 -28.23 -12.96
CA VAL A 562 -0.99 -29.40 -13.45
C VAL A 562 -1.22 -29.29 -14.96
N ILE A 563 -1.43 -28.08 -15.47
CA ILE A 563 -1.60 -27.89 -16.92
C ILE A 563 -0.33 -28.28 -17.65
N ARG A 564 0.82 -27.80 -17.16
CA ARG A 564 2.08 -28.09 -17.82
C ARG A 564 2.43 -29.58 -17.72
N LEU A 565 2.16 -30.21 -16.58
CA LEU A 565 2.45 -31.62 -16.42
C LEU A 565 1.44 -32.52 -17.11
N CYS A 566 0.28 -31.99 -17.50
CA CYS A 566 -0.70 -32.81 -18.21
C CYS A 566 -0.19 -33.26 -19.57
N GLN A 567 0.47 -32.37 -20.29
CA GLN A 567 1.00 -32.70 -21.61
C GLN A 567 2.51 -32.56 -21.65
C1 NAG B . -25.97 25.35 13.35
C2 NAG B . -27.16 24.96 12.46
C3 NAG B . -28.31 25.96 12.64
C4 NAG B . -28.66 26.10 14.12
C5 NAG B . -27.40 26.46 14.92
C6 NAG B . -27.66 26.55 16.40
C7 NAG B . -27.13 23.91 10.23
C8 NAG B . -27.98 22.84 10.83
N2 NAG B . -26.76 24.89 11.06
O3 NAG B . -29.44 25.51 11.92
O4 NAG B . -29.63 27.13 14.29
O5 NAG B . -26.40 25.46 14.72
O6 NAG B . -26.87 27.57 17.01
O7 NAG B . -26.78 23.89 9.06
C1 NAG C . -16.77 23.11 30.31
C2 NAG C . -16.07 24.31 29.68
C3 NAG C . -16.40 25.59 30.46
C4 NAG C . -17.91 25.76 30.60
C5 NAG C . -18.53 24.50 31.18
C6 NAG C . -20.04 24.55 31.23
C7 NAG C . -13.84 24.68 28.71
C8 NAG C . -12.38 24.35 28.80
N2 NAG C . -14.63 24.11 29.63
O3 NAG C . -15.83 26.71 29.80
O4 NAG C . -18.19 26.85 31.45
O5 NAG C . -18.18 23.36 30.37
O6 NAG C . -20.62 23.86 30.12
O7 NAG C . -14.29 25.43 27.85
C1 NAG D . -24.81 5.37 24.60
C2 NAG D . -26.31 5.17 24.34
C3 NAG D . -26.86 4.09 25.28
C4 NAG D . -26.04 2.82 25.18
C5 NAG D . -24.56 3.13 25.39
C6 NAG D . -23.67 1.93 25.19
C7 NAG D . -27.13 7.12 25.62
C8 NAG D . -27.95 8.38 25.53
N2 NAG D . -27.05 6.41 24.48
O3 NAG D . -28.21 3.82 24.92
O4 NAG D . -26.47 1.88 26.15
O5 NAG D . -24.13 4.13 24.47
O6 NAG D . -22.31 2.31 24.96
O7 NAG D . -26.57 6.78 26.66
NA NA E . 5.57 7.24 -5.74
NA NA F . 6.60 1.84 0.18
CL CL G . 6.74 0.31 4.88
CAA Y01 H . -12.65 -16.85 -8.91
CBA Y01 H . -12.30 -15.56 -9.64
CAB Y01 H . -13.05 -14.39 -9.03
CAN Y01 H . -12.57 -15.68 -11.13
CAJ Y01 H . -11.91 -16.87 -11.83
CAO Y01 H . -10.39 -16.82 -11.81
CBB Y01 H . -9.67 -18.03 -12.42
CAC Y01 H . -10.69 -19.03 -12.97
CBE Y01 H . -8.63 -17.59 -13.46
CAP Y01 H . -7.87 -16.32 -13.00
CAQ Y01 H . -6.49 -16.38 -13.68
CBG Y01 H . -6.57 -17.60 -14.63
CBI Y01 H . -7.51 -18.57 -13.88
CAE Y01 H . -6.83 -19.19 -12.66
CAU Y01 H . -7.89 -19.66 -14.89
CAS Y01 H . -6.65 -20.37 -15.45
CBF Y01 H . -5.62 -19.41 -16.07
CBD Y01 H . -5.27 -18.25 -15.13
CAK Y01 H . -4.42 -17.23 -15.88
CAI Y01 H . -3.31 -17.87 -16.64
CAZ Y01 H . -3.27 -19.16 -16.97
CAV Y01 H . -2.09 -19.72 -17.73
CBH Y01 H . -4.36 -20.16 -16.59
CAD Y01 H . -3.78 -21.12 -15.54
CAT Y01 H . -4.74 -20.95 -17.84
CAR Y01 H . -3.52 -21.61 -18.49
CBC Y01 H . -2.52 -20.57 -18.91
OAW Y01 H . -1.33 -21.28 -19.38
CAY Y01 H . -0.76 -20.84 -20.51
OAG Y01 H . -1.08 -19.84 -21.09
CAM Y01 H . 0.35 -21.76 -20.96
CAL Y01 H . 0.08 -23.21 -20.62
CAX Y01 H . 1.05 -24.16 -21.25
OAH Y01 H . 1.10 -25.34 -20.97
OAF Y01 H . 1.83 -23.59 -22.13
CAA Y01 I . -9.82 -10.55 -12.77
CBA Y01 I . -8.74 -11.31 -13.53
CAB Y01 I . -8.59 -12.71 -12.95
CAN Y01 I . -7.43 -10.57 -13.53
CAJ Y01 I . -6.30 -11.20 -14.33
CAO Y01 I . -6.64 -11.41 -15.80
CBB Y01 I . -5.49 -11.88 -16.69
CAC Y01 I . -4.17 -11.83 -15.95
CBE Y01 I . -5.78 -13.28 -17.29
CAP Y01 I . -7.30 -13.57 -17.36
CAQ Y01 I . -7.46 -14.64 -18.47
CBG Y01 I . -6.03 -14.94 -18.95
CBI Y01 I . -5.28 -13.61 -18.71
CAE Y01 I . -5.71 -12.53 -19.72
CAU Y01 I . -3.79 -13.92 -18.85
CAS Y01 I . -3.47 -14.53 -20.23
CBF Y01 I . -4.30 -15.78 -20.55
CBD Y01 I . -5.80 -15.55 -20.33
CAK Y01 I . -6.55 -16.88 -20.46
CAI Y01 I . -6.09 -17.68 -21.63
CAZ Y01 I . -4.96 -17.48 -22.30
CAV Y01 I . -4.61 -18.36 -23.48
CBH Y01 I . -3.99 -16.36 -21.96
CAD Y01 I . -4.07 -15.29 -23.06
CAT Y01 I . -2.56 -16.94 -21.93
CAR Y01 I . -2.21 -17.72 -23.20
CBC Y01 I . -3.19 -18.87 -23.39
OAW Y01 I . -2.87 -19.55 -24.64
CAY Y01 I . -2.65 -20.87 -24.58
OAG Y01 I . -3.02 -21.57 -23.67
CAM Y01 I . -1.89 -21.36 -25.78
CAL Y01 I . -0.38 -21.26 -25.60
CAX Y01 I . 0.12 -19.86 -25.44
OAH Y01 I . 1.05 -19.55 -24.70
OAF Y01 I . -0.53 -18.99 -26.18
CAA Y01 J . -9.75 -6.83 -12.49
CBA Y01 J . -10.51 -6.46 -13.74
CAB Y01 J . -11.94 -6.09 -13.39
CAN Y01 J . -9.85 -5.34 -14.50
CAJ Y01 J . -8.60 -5.73 -15.29
CAO Y01 J . -8.83 -6.90 -16.22
CBB Y01 J . -7.78 -7.08 -17.33
CAC Y01 J . -6.38 -7.10 -16.74
CBE Y01 J . -8.10 -8.31 -18.19
CAP Y01 J . -9.59 -8.66 -18.19
CAQ Y01 J . -9.83 -9.46 -19.50
CBG Y01 J . -8.45 -9.56 -20.16
CBI Y01 J . -7.73 -8.29 -19.70
CAE Y01 J . -8.30 -7.03 -20.39
CAU Y01 J . -6.25 -8.47 -20.06
CAS Y01 J . -6.06 -8.72 -21.55
CBF Y01 J . -6.88 -9.91 -22.09
CBD Y01 J . -8.35 -9.83 -21.67
CAK Y01 J . -9.06 -11.14 -22.03
CAI Y01 J . -8.67 -11.65 -23.38
CAZ Y01 J . -7.63 -11.23 -24.09
CAV Y01 J . -7.33 -11.83 -25.44
CBH Y01 J . -6.70 -10.12 -23.61
CAD Y01 J . -7.03 -8.84 -24.41
CAT Y01 J . -5.25 -10.53 -23.90
CAR Y01 J . -5.13 -12.00 -24.27
CBC Y01 J . -5.88 -12.27 -25.56
OAW Y01 J . -5.25 -11.51 -26.62
CAY Y01 J . -4.95 -12.16 -27.76
OAG Y01 J . -4.14 -13.04 -27.82
CAM Y01 J . -5.77 -11.65 -28.90
CAL Y01 J . -6.02 -12.70 -29.98
CAX Y01 J . -4.79 -13.06 -30.76
OAH Y01 J . -4.13 -14.06 -30.54
OAF Y01 J . -4.50 -12.20 -31.71
N01 3S5 K . 3.38 -1.86 -4.48
C02 3S5 K . 2.29 -1.73 -3.88
N03 3S5 K . 1.57 -2.76 -3.65
N04 3S5 K . 1.84 -0.42 -3.49
C05 3S5 K . 2.65 0.73 -3.76
C06 3S5 K . 3.81 0.81 -2.74
S07 3S5 K . 3.91 2.51 -2.13
O08 3S5 K . 2.42 3.01 -1.69
O09 3S5 K . 4.94 2.57 -0.83
O10 3S5 K . 4.45 3.47 -3.33
#